data_4IYB
#
_entry.id   4IYB
#
_cell.length_a   63.596
_cell.length_b   63.596
_cell.length_c   155.831
_cell.angle_alpha   90.000
_cell.angle_beta   90.000
_cell.angle_gamma   120.000
#
_symmetry.space_group_name_H-M   'P 31 2 1'
#
loop_
_entity.id
_entity.type
_entity.pdbx_description
1 polymer 'Ricin B-like lectin'
2 non-polymer beta-D-galactopyranose
3 non-polymer GLYCEROL
4 water water
#
_entity_poly.entity_id   1
_entity_poly.type   'polypeptide(L)'
_entity_poly.pdbx_seq_one_letter_code
;STQVSSGQTYKITNVKAGTVIDLSGEDNKSIIGYPYHSGKNQQWTFNWTGKAWTLRSASSGSYLGIEGTPADGTRLVAVN
DPFEWHIWRDEANENAFRIFVPFTNYNLDLSGYGDTTPGTPVQLWWTWEGLHQTWTIDRP
;
_entity_poly.pdbx_strand_id   A,B
#
loop_
_chem_comp.id
_chem_comp.type
_chem_comp.name
_chem_comp.formula
GAL D-saccharide, beta linking beta-D-galactopyranose 'C6 H12 O6'
GOL non-polymer GLYCEROL 'C3 H8 O3'
#
# COMPACT_ATOMS: atom_id res chain seq x y z
N SER A 1 14.66 -6.89 21.88
CA SER A 1 14.94 -7.23 20.46
C SER A 1 14.21 -8.53 20.09
N THR A 2 14.12 -8.79 18.79
CA THR A 2 13.46 -9.98 18.29
C THR A 2 14.46 -10.90 17.64
N GLN A 3 14.61 -12.10 18.20
CA GLN A 3 15.52 -13.09 17.65
C GLN A 3 14.94 -13.66 16.36
N VAL A 4 15.80 -13.78 15.35
CA VAL A 4 15.45 -14.49 14.13
C VAL A 4 15.82 -15.96 14.36
N SER A 5 14.78 -16.79 14.36
CA SER A 5 14.88 -18.18 14.76
C SER A 5 14.30 -19.10 13.72
N SER A 6 15.00 -20.20 13.47
CA SER A 6 14.53 -21.17 12.52
C SER A 6 13.18 -21.71 12.96
N GLY A 7 12.26 -21.81 12.01
CA GLY A 7 10.90 -22.34 12.24
C GLY A 7 9.87 -21.31 12.68
N GLN A 8 10.31 -20.09 12.93
CA GLN A 8 9.44 -19.00 13.31
C GLN A 8 9.06 -18.10 12.13
N THR A 9 7.92 -17.45 12.29
CA THR A 9 7.31 -16.61 11.23
C THR A 9 7.33 -15.14 11.61
N TYR A 10 7.70 -14.31 10.63
CA TYR A 10 7.94 -12.88 10.85
C TYR A 10 7.34 -12.03 9.74
N LYS A 11 7.10 -10.77 10.04
CA LYS A 11 6.96 -9.77 8.99
C LYS A 11 8.28 -9.04 8.81
N ILE A 12 8.47 -8.51 7.62
CA ILE A 12 9.75 -7.90 7.26
C ILE A 12 9.45 -6.48 6.80
N THR A 13 9.86 -5.51 7.61
CA THR A 13 9.46 -4.11 7.44
C THR A 13 10.61 -3.25 6.91
N ASN A 14 10.35 -2.49 5.86
CA ASN A 14 11.38 -1.57 5.36
C ASN A 14 11.60 -0.41 6.33
N VAL A 15 12.86 -0.16 6.67
CA VAL A 15 13.17 0.89 7.62
C VAL A 15 12.73 2.27 7.11
N LYS A 16 13.03 2.56 5.85
CA LYS A 16 12.69 3.88 5.31
C LYS A 16 11.19 4.07 5.10
N ALA A 17 10.56 3.12 4.44
CA ALA A 17 9.15 3.30 3.99
C ALA A 17 8.09 2.87 5.01
N GLY A 18 8.43 1.93 5.87
CA GLY A 18 7.48 1.34 6.84
C GLY A 18 6.49 0.32 6.29
N THR A 19 6.56 0.08 4.99
CA THR A 19 5.78 -0.98 4.37
C THR A 19 6.51 -2.32 4.54
N VAL A 20 5.82 -3.43 4.29
CA VAL A 20 6.38 -4.77 4.47
C VAL A 20 6.50 -5.54 3.18
N ILE A 21 7.36 -6.55 3.18
CA ILE A 21 7.49 -7.46 2.08
C ILE A 21 6.24 -8.32 1.97
N ASP A 22 5.59 -8.21 0.82
CA ASP A 22 4.21 -8.69 0.61
C ASP A 22 4.19 -9.48 -0.70
N LEU A 23 3.67 -10.71 -0.62
CA LEU A 23 3.40 -11.50 -1.81
C LEU A 23 2.05 -11.05 -2.39
N SER A 24 2.11 -10.35 -3.51
CA SER A 24 0.96 -9.68 -4.09
C SER A 24 -0.25 -10.56 -4.22
N GLY A 25 -1.37 -10.04 -3.73
CA GLY A 25 -2.65 -10.72 -3.88
C GLY A 25 -3.18 -10.62 -5.28
N GLU A 26 -2.58 -9.81 -6.14
CA GLU A 26 -3.02 -9.73 -7.53
C GLU A 26 -2.59 -10.92 -8.36
N ASP A 27 -1.42 -11.48 -8.06
CA ASP A 27 -0.86 -12.55 -8.90
C ASP A 27 -0.23 -13.71 -8.16
N ASN A 28 -0.18 -13.61 -6.82
CA ASN A 28 0.51 -14.56 -5.95
C ASN A 28 1.93 -14.87 -6.41
N LYS A 29 2.60 -13.89 -6.99
CA LYS A 29 3.93 -14.11 -7.56
C LYS A 29 4.87 -12.93 -7.29
N SER A 30 4.39 -11.71 -7.52
CA SER A 30 5.20 -10.50 -7.44
C SER A 30 5.40 -10.11 -5.98
N ILE A 31 6.63 -9.70 -5.63
CA ILE A 31 6.95 -9.23 -4.31
C ILE A 31 7.03 -7.70 -4.26
N ILE A 32 6.21 -7.12 -3.38
CA ILE A 32 5.96 -5.69 -3.34
C ILE A 32 6.04 -5.19 -1.89
N GLY A 33 6.25 -3.88 -1.75
CA GLY A 33 6.09 -3.20 -0.48
C GLY A 33 4.64 -2.82 -0.31
N TYR A 34 4.06 -3.20 0.81
CA TYR A 34 2.63 -2.93 1.09
C TYR A 34 2.43 -2.67 2.57
N PRO A 35 1.50 -1.77 2.93
CA PRO A 35 1.23 -1.58 4.34
C PRO A 35 0.80 -2.87 5.03
N TYR A 36 1.31 -3.09 6.24
CA TYR A 36 0.99 -4.32 6.97
C TYR A 36 -0.47 -4.32 7.43
N HIS A 37 -1.14 -5.44 7.21
CA HIS A 37 -2.52 -5.64 7.71
C HIS A 37 -2.70 -7.03 8.24
N SER A 38 -1.61 -7.64 8.69
CA SER A 38 -1.62 -9.01 9.25
C SER A 38 -2.04 -10.08 8.23
N GLY A 39 -1.81 -9.85 6.95
CA GLY A 39 -2.07 -10.83 5.92
C GLY A 39 -1.08 -11.99 5.99
N LYS A 40 -1.53 -13.21 5.72
CA LYS A 40 -0.60 -14.34 5.70
C LYS A 40 0.38 -14.21 4.56
N ASN A 41 0.00 -13.49 3.52
CA ASN A 41 0.87 -13.17 2.43
C ASN A 41 1.91 -12.09 2.78
N GLN A 42 1.84 -11.60 4.01
CA GLN A 42 2.80 -10.60 4.52
C GLN A 42 3.69 -11.21 5.62
N GLN A 43 3.64 -12.54 5.70
CA GLN A 43 4.31 -13.29 6.77
C GLN A 43 5.18 -14.38 6.15
N TRP A 44 6.38 -14.49 6.69
CA TRP A 44 7.45 -15.33 6.11
C TRP A 44 8.06 -16.21 7.19
N THR A 45 8.06 -17.53 6.92
CA THR A 45 8.60 -18.51 7.85
C THR A 45 10.06 -18.74 7.51
N PHE A 46 10.92 -18.49 8.48
CA PHE A 46 12.37 -18.57 8.29
C PHE A 46 12.84 -19.98 8.64
N ASN A 47 13.68 -20.55 7.80
CA ASN A 47 14.36 -21.81 8.14
C ASN A 47 15.86 -21.63 7.90
N TRP A 48 16.66 -22.07 8.87
CA TRP A 48 18.11 -22.11 8.73
C TRP A 48 18.54 -23.47 8.15
N THR A 49 19.23 -23.46 7.02
CA THR A 49 19.53 -24.69 6.28
C THR A 49 20.82 -25.32 6.75
N GLY A 50 21.48 -24.67 7.70
CA GLY A 50 22.84 -24.99 8.09
C GLY A 50 23.81 -23.94 7.59
N LYS A 51 23.44 -23.24 6.51
CA LYS A 51 24.36 -22.24 5.95
C LYS A 51 23.70 -20.93 5.54
N ALA A 52 22.38 -20.93 5.54
CA ALA A 52 21.67 -19.79 5.03
C ALA A 52 20.23 -19.84 5.48
N TRP A 53 19.52 -18.75 5.28
CA TRP A 53 18.09 -18.67 5.58
C TRP A 53 17.25 -18.88 4.31
N THR A 54 16.15 -19.62 4.44
CA THR A 54 15.09 -19.59 3.45
C THR A 54 13.84 -18.98 4.06
N LEU A 55 13.06 -18.31 3.23
CA LEU A 55 11.90 -17.50 3.68
C LEU A 55 10.69 -18.01 2.90
N ARG A 56 9.75 -18.64 3.61
CA ARG A 56 8.60 -19.28 2.97
C ARG A 56 7.33 -18.52 3.26
N SER A 57 6.58 -18.25 2.21
CA SER A 57 5.30 -17.55 2.35
C SER A 57 4.34 -18.35 3.23
N ALA A 58 3.84 -17.72 4.28
CA ALA A 58 2.83 -18.34 5.16
C ALA A 58 1.51 -18.58 4.46
N SER A 59 1.24 -17.86 3.38
CA SER A 59 -0.02 -18.05 2.65
C SER A 59 0.09 -19.12 1.56
N SER A 60 1.15 -19.09 0.75
CA SER A 60 1.17 -19.89 -0.47
C SER A 60 2.09 -21.09 -0.40
N GLY A 61 3.04 -21.08 0.54
CA GLY A 61 4.09 -22.08 0.57
C GLY A 61 5.23 -21.91 -0.43
N SER A 62 5.17 -20.89 -1.28
CA SER A 62 6.27 -20.53 -2.16
C SER A 62 7.37 -19.88 -1.31
N TYR A 63 8.55 -19.79 -1.87
CA TYR A 63 9.69 -19.18 -1.18
C TYR A 63 9.98 -17.83 -1.79
N LEU A 64 10.56 -16.95 -0.99
CA LEU A 64 11.05 -15.68 -1.52
C LEU A 64 12.36 -15.94 -2.27
N GLY A 65 12.37 -15.62 -3.55
CA GLY A 65 13.52 -15.84 -4.42
C GLY A 65 13.61 -14.85 -5.54
N ILE A 66 14.43 -15.20 -6.53
CA ILE A 66 14.57 -14.41 -7.72
C ILE A 66 14.61 -15.46 -8.85
N GLU A 67 14.47 -14.96 -10.05
CA GLU A 67 14.76 -15.76 -11.25
C GLU A 67 15.89 -15.08 -12.06
N GLY A 68 16.88 -15.88 -12.42
CA GLY A 68 17.97 -15.36 -13.23
C GLY A 68 18.89 -14.39 -12.50
N THR A 69 19.79 -13.82 -13.26
CA THR A 69 21.07 -13.37 -12.73
C THR A 69 20.87 -12.16 -11.83
N PRO A 70 21.47 -12.18 -10.63
CA PRO A 70 21.42 -10.96 -9.81
C PRO A 70 21.99 -9.76 -10.55
N ALA A 71 21.27 -8.66 -10.47
CA ALA A 71 21.63 -7.40 -11.10
C ALA A 71 20.83 -6.29 -10.46
N ASP A 72 21.20 -5.03 -10.71
CA ASP A 72 20.38 -3.94 -10.26
C ASP A 72 19.01 -4.06 -10.92
N GLY A 73 17.96 -4.16 -10.13
CA GLY A 73 16.62 -4.22 -10.63
C GLY A 73 16.03 -5.60 -10.77
N THR A 74 16.79 -6.64 -10.47
CA THR A 74 16.22 -8.00 -10.49
C THR A 74 15.03 -8.06 -9.54
N ARG A 75 13.87 -8.47 -10.04
CA ARG A 75 12.69 -8.52 -9.19
C ARG A 75 12.67 -9.73 -8.27
N LEU A 76 12.22 -9.52 -7.02
CA LEU A 76 11.94 -10.65 -6.17
C LEU A 76 10.60 -11.23 -6.56
N VAL A 77 10.57 -12.56 -6.58
CA VAL A 77 9.37 -13.32 -6.93
C VAL A 77 9.22 -14.54 -6.03
N ALA A 78 7.98 -15.03 -5.95
CA ALA A 78 7.74 -16.34 -5.39
C ALA A 78 8.36 -17.41 -6.28
N VAL A 79 9.04 -18.36 -5.64
CA VAL A 79 9.63 -19.49 -6.35
C VAL A 79 9.29 -20.79 -5.65
N ASN A 80 9.33 -21.90 -6.39
CA ASN A 80 8.89 -23.17 -5.81
C ASN A 80 9.90 -23.76 -4.83
N ASP A 81 11.18 -23.65 -5.18
CA ASP A 81 12.24 -24.29 -4.43
C ASP A 81 12.86 -23.33 -3.42
N PRO A 82 13.28 -23.85 -2.27
CA PRO A 82 13.91 -22.97 -1.28
C PRO A 82 15.07 -22.19 -1.87
N PHE A 83 15.08 -20.90 -1.58
CA PHE A 83 16.15 -20.00 -2.06
C PHE A 83 16.88 -19.45 -0.85
N GLU A 84 18.20 -19.60 -0.85
CA GLU A 84 19.03 -19.26 0.30
C GLU A 84 19.49 -17.78 0.28
N TRP A 85 19.36 -17.15 1.44
CA TRP A 85 19.69 -15.75 1.70
C TRP A 85 20.65 -15.69 2.87
N HIS A 86 21.49 -14.65 2.91
CA HIS A 86 22.26 -14.33 4.11
C HIS A 86 21.83 -12.97 4.65
N ILE A 87 21.82 -12.84 5.98
CA ILE A 87 21.43 -11.59 6.61
C ILE A 87 22.56 -11.07 7.47
N TRP A 88 22.79 -9.77 7.35
CA TRP A 88 23.82 -9.05 8.07
C TRP A 88 23.23 -7.84 8.79
N ARG A 89 23.61 -7.62 10.04
CA ARG A 89 23.13 -6.43 10.66
C ARG A 89 23.64 -5.14 10.07
N ASP A 90 22.76 -4.17 10.00
CA ASP A 90 23.05 -2.89 9.39
C ASP A 90 23.89 -2.00 10.29
N GLU A 91 24.65 -1.08 9.70
CA GLU A 91 25.49 -0.16 10.47
C GLU A 91 24.73 1.05 11.01
N ALA A 92 23.77 1.57 10.23
CA ALA A 92 23.05 2.77 10.64
C ALA A 92 22.04 2.50 11.74
N ASN A 93 21.35 1.39 11.62
CA ASN A 93 20.45 0.88 12.66
C ASN A 93 20.74 -0.58 12.89
N GLU A 94 21.42 -0.89 13.99
CA GLU A 94 21.94 -2.23 14.19
C GLU A 94 20.88 -3.28 14.57
N ASN A 95 19.66 -2.80 14.84
CA ASN A 95 18.52 -3.70 15.02
C ASN A 95 17.93 -4.13 13.67
N ALA A 96 18.40 -3.53 12.57
CA ALA A 96 17.91 -3.87 11.25
C ALA A 96 18.92 -4.67 10.48
N PHE A 97 18.52 -5.13 9.30
CA PHE A 97 19.29 -6.11 8.55
C PHE A 97 19.33 -5.74 7.07
N ARG A 98 20.41 -6.16 6.42
CA ARG A 98 20.49 -6.26 4.98
C ARG A 98 20.47 -7.71 4.56
N ILE A 99 19.71 -8.02 3.51
CA ILE A 99 19.43 -9.38 3.10
C ILE A 99 20.03 -9.60 1.71
N PHE A 100 21.03 -10.48 1.65
CA PHE A 100 21.89 -10.62 0.44
C PHE A 100 21.71 -11.96 -0.24
N VAL A 101 21.85 -11.95 -1.57
CA VAL A 101 22.15 -13.18 -2.30
C VAL A 101 23.54 -13.63 -1.91
N PRO A 102 23.68 -14.87 -1.43
CA PRO A 102 25.00 -15.36 -0.97
C PRO A 102 26.10 -15.15 -2.02
N PHE A 103 27.25 -14.70 -1.53
CA PHE A 103 28.48 -14.53 -2.32
C PHE A 103 28.38 -13.40 -3.34
N THR A 104 27.44 -12.47 -3.14
CA THR A 104 27.27 -11.35 -4.02
C THR A 104 27.17 -10.04 -3.24
N ASN A 105 27.22 -8.93 -3.97
CA ASN A 105 27.01 -7.62 -3.41
C ASN A 105 25.57 -7.11 -3.53
N TYR A 106 24.65 -8.00 -3.88
CA TYR A 106 23.26 -7.63 -4.12
C TYR A 106 22.37 -7.91 -2.91
N ASN A 107 21.70 -6.85 -2.45
CA ASN A 107 20.79 -6.94 -1.32
C ASN A 107 19.38 -6.44 -1.65
N LEU A 108 18.41 -6.85 -0.85
CA LEU A 108 17.04 -6.42 -1.03
C LEU A 108 16.93 -4.92 -0.94
N ASP A 109 16.15 -4.36 -1.85
CA ASP A 109 16.03 -2.91 -2.04
C ASP A 109 14.55 -2.63 -2.35
N LEU A 110 13.92 -1.78 -1.56
CA LEU A 110 12.58 -1.30 -1.91
C LEU A 110 12.71 -0.20 -2.95
N SER A 111 12.17 -0.46 -4.15
CA SER A 111 12.52 0.35 -5.30
C SER A 111 12.09 1.80 -5.20
N GLY A 112 12.69 2.62 -6.05
CA GLY A 112 12.43 4.06 -6.03
C GLY A 112 12.91 4.74 -4.75
N TYR A 113 14.00 4.21 -4.18
CA TYR A 113 14.62 4.75 -2.98
C TYR A 113 13.62 4.67 -1.83
N GLY A 114 12.94 3.53 -1.75
CA GLY A 114 12.01 3.32 -0.65
C GLY A 114 10.65 4.00 -0.79
N ASP A 115 10.08 3.97 -1.99
CA ASP A 115 8.76 4.58 -2.24
C ASP A 115 7.72 3.91 -1.34
N THR A 116 6.95 4.74 -0.64
CA THR A 116 5.91 4.26 0.27
C THR A 116 4.65 3.83 -0.43
N THR A 117 4.56 4.09 -1.74
CA THR A 117 3.35 3.72 -2.48
C THR A 117 3.11 2.22 -2.36
N PRO A 118 1.89 1.82 -1.96
CA PRO A 118 1.58 0.40 -1.99
C PRO A 118 1.77 -0.22 -3.38
N GLY A 119 2.44 -1.36 -3.45
CA GLY A 119 2.74 -2.01 -4.71
C GLY A 119 4.13 -1.78 -5.27
N THR A 120 4.90 -0.91 -4.61
CA THR A 120 6.26 -0.65 -5.02
C THR A 120 7.08 -1.95 -5.04
N PRO A 121 7.74 -2.24 -6.18
CA PRO A 121 8.43 -3.53 -6.24
C PRO A 121 9.61 -3.64 -5.26
N VAL A 122 9.82 -4.84 -4.75
CA VAL A 122 11.03 -5.19 -4.02
C VAL A 122 11.96 -5.88 -5.01
N GLN A 123 13.21 -5.44 -5.04
CA GLN A 123 14.17 -5.84 -6.05
C GLN A 123 15.53 -6.06 -5.39
N LEU A 124 16.46 -6.60 -6.18
CA LEU A 124 17.88 -6.52 -5.80
C LEU A 124 18.52 -5.23 -6.27
N TRP A 125 19.53 -4.82 -5.51
CA TRP A 125 20.35 -3.70 -5.92
C TRP A 125 21.70 -3.82 -5.24
N TRP A 126 22.75 -3.33 -5.90
CA TRP A 126 24.07 -3.27 -5.31
C TRP A 126 23.99 -2.53 -3.98
N THR A 127 24.68 -3.06 -2.98
CA THR A 127 24.56 -2.49 -1.65
C THR A 127 25.14 -1.06 -1.58
N TRP A 128 24.40 -0.14 -0.97
CA TRP A 128 24.88 1.19 -0.65
C TRP A 128 24.12 1.75 0.55
N GLU A 129 24.43 2.96 0.97
CA GLU A 129 23.97 3.42 2.29
C GLU A 129 22.47 3.74 2.44
N GLY A 130 21.69 3.69 1.37
CA GLY A 130 20.29 4.07 1.49
C GLY A 130 19.52 3.18 2.45
N LEU A 131 18.69 3.79 3.30
CA LEU A 131 17.99 3.05 4.32
C LEU A 131 16.86 2.20 3.75
N HIS A 132 16.50 2.43 2.49
CA HIS A 132 15.48 1.59 1.85
C HIS A 132 16.04 0.23 1.49
N GLN A 133 17.33 0.00 1.76
CA GLN A 133 17.91 -1.34 1.65
C GLN A 133 18.03 -2.08 3.01
N THR A 134 17.33 -1.56 4.02
CA THR A 134 17.44 -2.09 5.37
C THR A 134 16.07 -2.44 5.90
N TRP A 135 16.00 -3.46 6.73
CA TRP A 135 14.75 -4.14 7.02
C TRP A 135 14.79 -4.59 8.47
N THR A 136 13.67 -4.44 9.18
CA THR A 136 13.48 -5.09 10.46
C THR A 136 12.70 -6.40 10.31
N ILE A 137 13.04 -7.39 11.14
CA ILE A 137 12.39 -8.68 11.09
C ILE A 137 11.63 -8.85 12.40
N ASP A 138 10.31 -8.69 12.30
CA ASP A 138 9.45 -8.41 13.43
C ASP A 138 8.41 -9.54 13.64
N ARG A 139 7.98 -9.73 14.89
CA ARG A 139 6.86 -10.58 15.15
C ARG A 139 5.61 -10.11 14.38
N PRO A 140 4.84 -11.04 13.82
CA PRO A 140 3.67 -10.71 13.01
C PRO A 140 2.52 -10.14 13.83
N SER B 1 2.43 7.09 -13.73
CA SER B 1 1.26 7.66 -12.99
C SER B 1 -0.02 7.48 -13.80
N THR B 2 -1.16 7.55 -13.12
CA THR B 2 -2.45 7.43 -13.78
C THR B 2 -2.87 8.77 -14.37
N GLN B 3 -3.38 8.73 -15.59
CA GLN B 3 -4.14 9.83 -16.15
C GLN B 3 -5.60 9.57 -15.85
N VAL B 4 -6.18 10.37 -14.96
CA VAL B 4 -7.59 10.21 -14.61
C VAL B 4 -8.43 10.68 -15.79
N SER B 5 -9.28 9.81 -16.31
CA SER B 5 -10.04 10.09 -17.51
CA SER B 5 -10.04 10.07 -17.53
C SER B 5 -11.53 10.04 -17.23
N SER B 6 -12.26 11.08 -17.64
CA SER B 6 -13.68 11.13 -17.48
C SER B 6 -14.36 9.92 -18.13
N GLY B 7 -15.33 9.36 -17.43
CA GLY B 7 -16.10 8.22 -17.88
C GLY B 7 -15.52 6.89 -17.42
N GLN B 8 -14.31 6.90 -16.86
CA GLN B 8 -13.62 5.67 -16.47
C GLN B 8 -13.91 5.38 -15.00
N THR B 9 -13.81 4.10 -14.66
CA THR B 9 -14.06 3.59 -13.29
C THR B 9 -12.76 3.13 -12.66
N TYR B 10 -12.54 3.56 -11.41
CA TYR B 10 -11.30 3.30 -10.70
C TYR B 10 -11.53 2.80 -9.27
N LYS B 11 -10.53 2.16 -8.70
N LYS B 11 -10.50 2.20 -8.69
CA LYS B 11 -10.47 1.99 -7.24
CA LYS B 11 -10.41 1.98 -7.25
C LYS B 11 -9.52 3.05 -6.68
C LYS B 11 -9.39 2.91 -6.61
N ILE B 12 -9.75 3.41 -5.42
CA ILE B 12 -9.01 4.49 -4.79
C ILE B 12 -8.40 3.94 -3.51
N THR B 13 -7.09 3.80 -3.49
CA THR B 13 -6.36 3.12 -2.42
C THR B 13 -5.60 4.11 -1.53
N ASN B 14 -5.73 3.95 -0.25
CA ASN B 14 -5.01 4.81 0.68
C ASN B 14 -3.53 4.46 0.71
N VAL B 15 -2.65 5.46 0.58
CA VAL B 15 -1.23 5.17 0.54
C VAL B 15 -0.71 4.62 1.87
N LYS B 16 -1.16 5.19 2.99
CA LYS B 16 -0.69 4.74 4.30
C LYS B 16 -1.19 3.31 4.61
N ALA B 17 -2.49 3.07 4.37
CA ALA B 17 -3.14 1.88 4.91
C ALA B 17 -3.28 0.73 3.90
N GLY B 18 -3.31 1.03 2.61
CA GLY B 18 -3.53 0.06 1.55
C GLY B 18 -4.94 -0.49 1.43
N THR B 19 -5.86 0.03 2.23
CA THR B 19 -7.29 -0.22 2.05
C THR B 19 -7.88 0.78 1.05
N VAL B 20 -9.07 0.49 0.55
CA VAL B 20 -9.70 1.30 -0.50
C VAL B 20 -10.93 2.02 0.00
N ILE B 21 -11.29 3.11 -0.68
CA ILE B 21 -12.54 3.81 -0.44
C ILE B 21 -13.72 2.92 -0.83
N ASP B 22 -14.56 2.64 0.17
CA ASP B 22 -15.57 1.59 0.07
C ASP B 22 -16.87 2.12 0.62
N LEU B 23 -17.96 1.93 -0.15
CA LEU B 23 -19.30 2.25 0.33
C LEU B 23 -19.82 1.05 1.14
N SER B 24 -19.94 1.27 2.43
CA SER B 24 -20.36 0.20 3.39
C SER B 24 -21.57 -0.57 2.86
N GLY B 25 -21.43 -1.88 2.75
CA GLY B 25 -22.56 -2.73 2.38
C GLY B 25 -23.62 -2.73 3.44
N GLU B 26 -23.22 -2.55 4.69
CA GLU B 26 -24.15 -2.70 5.81
C GLU B 26 -25.22 -1.61 5.79
N ASP B 27 -24.84 -0.35 5.50
CA ASP B 27 -25.80 0.74 5.51
C ASP B 27 -25.98 1.44 4.16
N ASN B 28 -25.16 1.08 3.17
CA ASN B 28 -25.18 1.66 1.85
C ASN B 28 -25.02 3.18 1.89
N LYS B 29 -24.33 3.68 2.90
CA LYS B 29 -24.19 5.12 3.08
C LYS B 29 -22.81 5.54 3.56
N SER B 30 -22.28 4.88 4.60
CA SER B 30 -21.01 5.27 5.20
C SER B 30 -19.84 4.93 4.29
N ILE B 31 -18.88 5.83 4.22
CA ILE B 31 -17.67 5.61 3.43
C ILE B 31 -16.54 5.24 4.38
N ILE B 32 -15.97 4.08 4.09
CA ILE B 32 -15.00 3.42 4.94
C ILE B 32 -13.77 2.98 4.19
N GLY B 33 -12.67 2.74 4.91
CA GLY B 33 -11.55 2.03 4.31
C GLY B 33 -11.72 0.55 4.52
N TYR B 34 -11.60 -0.21 3.46
CA TYR B 34 -11.81 -1.66 3.55
C TYR B 34 -10.85 -2.34 2.55
N PRO B 35 -10.38 -3.56 2.87
CA PRO B 35 -9.53 -4.23 1.88
C PRO B 35 -10.24 -4.48 0.56
N TYR B 36 -9.51 -4.34 -0.53
CA TYR B 36 -10.08 -4.52 -1.85
C TYR B 36 -10.41 -5.97 -2.14
N HIS B 37 -11.62 -6.22 -2.62
CA HIS B 37 -12.04 -7.56 -3.10
C HIS B 37 -12.84 -7.47 -4.39
N SER B 38 -12.56 -6.44 -5.19
CA SER B 38 -13.21 -6.23 -6.47
C SER B 38 -14.73 -6.03 -6.37
N GLY B 39 -15.19 -5.49 -5.26
CA GLY B 39 -16.60 -5.17 -5.09
C GLY B 39 -16.97 -3.96 -5.92
N LYS B 40 -18.18 -3.96 -6.49
CA LYS B 40 -18.67 -2.77 -7.16
C LYS B 40 -18.78 -1.59 -6.22
N ASN B 41 -19.01 -1.87 -4.94
CA ASN B 41 -19.10 -0.84 -3.89
C ASN B 41 -17.72 -0.29 -3.53
N GLN B 42 -16.71 -0.81 -4.20
CA GLN B 42 -15.31 -0.35 -4.01
C GLN B 42 -14.78 0.28 -5.30
N GLN B 43 -15.67 0.62 -6.23
CA GLN B 43 -15.32 1.11 -7.54
C GLN B 43 -16.13 2.37 -7.80
N TRP B 44 -15.48 3.38 -8.39
CA TRP B 44 -16.05 4.72 -8.48
C TRP B 44 -15.86 5.23 -9.92
N THR B 45 -16.95 5.66 -10.54
CA THR B 45 -16.92 6.16 -11.92
C THR B 45 -16.74 7.68 -11.89
N PHE B 46 -15.67 8.15 -12.54
CA PHE B 46 -15.26 9.56 -12.49
C PHE B 46 -15.90 10.29 -13.67
N ASN B 47 -16.52 11.43 -13.40
CA ASN B 47 -16.99 12.33 -14.46
C ASN B 47 -16.42 13.72 -14.26
N TRP B 48 -15.94 14.30 -15.35
CA TRP B 48 -15.47 15.70 -15.33
C TRP B 48 -16.57 16.63 -15.81
N THR B 49 -16.98 17.57 -14.96
CA THR B 49 -18.18 18.32 -15.18
C THR B 49 -17.85 19.54 -16.04
N GLY B 50 -16.58 19.75 -16.34
CA GLY B 50 -16.14 21.02 -16.92
C GLY B 50 -15.26 21.79 -15.96
N LYS B 51 -15.51 21.61 -14.65
CA LYS B 51 -14.75 22.35 -13.64
C LYS B 51 -14.33 21.50 -12.44
N ALA B 52 -14.88 20.30 -12.35
CA ALA B 52 -14.61 19.46 -11.15
C ALA B 52 -14.95 17.99 -11.47
N TRP B 53 -14.68 17.10 -10.52
CA TRP B 53 -14.92 15.67 -10.69
C TRP B 53 -16.07 15.22 -9.77
N THR B 54 -16.93 14.35 -10.32
CA THR B 54 -17.91 13.64 -9.49
C THR B 54 -17.57 12.16 -9.55
N LEU B 55 -17.78 11.50 -8.41
CA LEU B 55 -17.38 10.12 -8.20
C LEU B 55 -18.64 9.32 -7.86
N ARG B 56 -19.03 8.44 -8.79
CA ARG B 56 -20.29 7.72 -8.69
C ARG B 56 -20.04 6.27 -8.33
N SER B 57 -20.75 5.80 -7.32
CA SER B 57 -20.59 4.39 -6.90
C SER B 57 -21.04 3.44 -7.98
N ALA B 58 -20.18 2.49 -8.34
CA ALA B 58 -20.49 1.51 -9.38
C ALA B 58 -21.55 0.52 -8.93
N SER B 59 -21.75 0.41 -7.63
CA SER B 59 -22.84 -0.44 -7.07
C SER B 59 -24.18 0.25 -6.97
N SER B 60 -24.26 1.38 -6.28
CA SER B 60 -25.55 1.99 -5.91
C SER B 60 -25.98 3.07 -6.87
N GLY B 61 -25.02 3.65 -7.58
CA GLY B 61 -25.28 4.87 -8.38
C GLY B 61 -25.40 6.15 -7.58
N SER B 62 -25.22 6.10 -6.26
CA SER B 62 -25.06 7.29 -5.45
CA SER B 62 -25.07 7.32 -5.48
C SER B 62 -23.67 7.86 -5.70
N TYR B 63 -23.42 9.05 -5.16
CA TYR B 63 -22.15 9.78 -5.34
C TYR B 63 -21.40 9.94 -4.03
N LEU B 64 -20.08 9.98 -4.11
CA LEU B 64 -19.26 10.28 -2.97
C LEU B 64 -19.46 11.74 -2.57
N GLY B 65 -19.86 11.99 -1.33
CA GLY B 65 -20.09 13.34 -0.85
C GLY B 65 -19.89 13.49 0.62
N ILE B 66 -20.42 14.60 1.16
CA ILE B 66 -20.46 14.89 2.56
C ILE B 66 -21.88 15.51 2.73
N GLU B 67 -22.33 15.54 3.97
CA GLU B 67 -23.52 16.31 4.35
C GLU B 67 -23.23 17.41 5.40
N GLY B 68 -22.24 17.20 6.25
CA GLY B 68 -21.85 18.22 7.22
C GLY B 68 -21.08 19.34 6.56
N THR B 69 -20.81 20.42 7.27
CA THR B 69 -19.95 21.46 6.73
C THR B 69 -18.51 20.98 6.84
N PRO B 70 -17.64 21.42 5.91
CA PRO B 70 -16.30 20.87 5.98
C PRO B 70 -15.57 21.28 7.24
N ALA B 71 -15.00 20.30 7.92
CA ALA B 71 -14.24 20.49 9.12
C ALA B 71 -13.44 19.21 9.34
N ASP B 72 -12.48 19.27 10.25
CA ASP B 72 -11.75 18.08 10.65
C ASP B 72 -12.75 17.07 11.25
N GLY B 73 -12.85 15.91 10.61
CA GLY B 73 -13.71 14.86 11.08
C GLY B 73 -15.07 14.76 10.41
N THR B 74 -15.41 15.67 9.51
CA THR B 74 -16.62 15.48 8.72
C THR B 74 -16.57 14.16 7.95
N ARG B 75 -17.59 13.32 8.09
CA ARG B 75 -17.54 11.99 7.50
C ARG B 75 -18.02 12.05 6.06
N LEU B 76 -17.36 11.29 5.19
CA LEU B 76 -17.84 11.11 3.85
C LEU B 76 -19.04 10.16 3.87
N VAL B 77 -20.02 10.43 3.01
CA VAL B 77 -21.22 9.62 2.88
C VAL B 77 -21.64 9.59 1.43
N ALA B 78 -22.40 8.55 1.07
CA ALA B 78 -23.07 8.57 -0.21
C ALA B 78 -24.18 9.59 -0.20
N VAL B 79 -24.29 10.30 -1.32
CA VAL B 79 -25.34 11.28 -1.52
C VAL B 79 -26.02 10.99 -2.86
N ASN B 80 -27.27 11.43 -3.00
CA ASN B 80 -28.04 11.09 -4.18
C ASN B 80 -27.61 11.85 -5.43
N ASP B 81 -27.26 13.13 -5.27
CA ASP B 81 -26.95 13.97 -6.42
C ASP B 81 -25.45 14.19 -6.55
N PRO B 82 -25.00 14.47 -7.76
CA PRO B 82 -23.56 14.59 -8.01
C PRO B 82 -22.90 15.65 -7.11
N PHE B 83 -21.81 15.27 -6.46
CA PHE B 83 -21.07 16.17 -5.57
C PHE B 83 -19.69 16.39 -6.18
N GLU B 84 -19.31 17.66 -6.31
CA GLU B 84 -18.07 18.01 -6.99
C GLU B 84 -16.87 17.98 -6.06
N TRP B 85 -15.78 17.45 -6.59
CA TRP B 85 -14.49 17.38 -5.90
C TRP B 85 -13.43 18.02 -6.79
N HIS B 86 -12.36 18.53 -6.17
CA HIS B 86 -11.16 18.86 -6.88
C HIS B 86 -10.10 17.82 -6.54
N ILE B 87 -9.42 17.35 -7.56
CA ILE B 87 -8.40 16.30 -7.44
C ILE B 87 -7.09 16.78 -7.97
N TRP B 88 -6.07 16.74 -7.11
CA TRP B 88 -4.73 17.16 -7.50
C TRP B 88 -3.72 16.05 -7.27
N ARG B 89 -2.79 15.89 -8.18
CA ARG B 89 -1.67 15.02 -7.91
CA ARG B 89 -1.64 15.04 -7.93
C ARG B 89 -0.93 15.54 -6.69
N ASP B 90 -0.50 14.63 -5.84
CA ASP B 90 0.28 15.01 -4.67
C ASP B 90 1.64 15.51 -5.17
N GLU B 91 2.10 16.62 -4.57
CA GLU B 91 3.37 17.22 -4.94
C GLU B 91 4.58 16.38 -4.54
N ALA B 92 4.49 15.66 -3.43
CA ALA B 92 5.62 14.90 -2.93
C ALA B 92 5.70 13.50 -3.52
N ASN B 93 4.53 12.94 -3.84
CA ASN B 93 4.45 11.59 -4.40
C ASN B 93 3.61 11.62 -5.69
N GLU B 94 4.30 11.62 -6.82
CA GLU B 94 3.66 11.81 -8.11
C GLU B 94 2.75 10.65 -8.48
N ASN B 95 2.80 9.57 -7.71
CA ASN B 95 1.94 8.39 -7.94
C ASN B 95 0.61 8.52 -7.19
N ALA B 96 0.41 9.60 -6.45
CA ALA B 96 -0.75 9.69 -5.56
C ALA B 96 -1.43 11.02 -5.75
N PHE B 97 -2.60 11.15 -5.13
CA PHE B 97 -3.50 12.27 -5.31
C PHE B 97 -4.07 12.69 -3.95
N ARG B 98 -4.46 13.95 -3.88
CA ARG B 98 -5.31 14.49 -2.81
C ARG B 98 -6.62 14.96 -3.39
N ILE B 99 -7.67 14.66 -2.65
CA ILE B 99 -9.05 14.88 -3.07
C ILE B 99 -9.68 15.89 -2.11
N PHE B 100 -10.06 17.06 -2.65
CA PHE B 100 -10.47 18.24 -1.85
C PHE B 100 -11.92 18.61 -2.05
N VAL B 101 -12.59 19.03 -0.99
CA VAL B 101 -13.80 19.82 -1.18
C VAL B 101 -13.40 21.10 -1.92
N PRO B 102 -14.07 21.38 -3.05
CA PRO B 102 -13.66 22.53 -3.87
C PRO B 102 -13.55 23.82 -3.07
N PHE B 103 -12.43 24.50 -3.29
CA PHE B 103 -12.17 25.83 -2.73
C PHE B 103 -11.82 25.81 -1.28
N THR B 104 -11.66 24.60 -0.72
CA THR B 104 -11.29 24.44 0.68
C THR B 104 -9.91 23.80 0.81
N ASN B 105 -9.39 23.89 2.04
CA ASN B 105 -8.19 23.15 2.41
C ASN B 105 -8.48 21.86 3.17
N TYR B 106 -9.66 21.29 2.93
CA TYR B 106 -10.09 20.01 3.55
C TYR B 106 -10.05 18.90 2.50
N ASN B 107 -9.20 17.89 2.74
CA ASN B 107 -9.04 16.79 1.83
C ASN B 107 -9.36 15.48 2.51
N LEU B 108 -9.60 14.47 1.69
CA LEU B 108 -9.93 13.14 2.23
C LEU B 108 -8.77 12.61 3.05
N ASP B 109 -9.14 11.98 4.16
CA ASP B 109 -8.22 11.55 5.21
C ASP B 109 -8.77 10.23 5.77
N LEU B 110 -7.97 9.18 5.70
CA LEU B 110 -8.37 7.90 6.35
C LEU B 110 -8.10 8.01 7.85
N SER B 111 -9.16 7.90 8.64
CA SER B 111 -9.06 8.32 10.02
CA SER B 111 -9.13 8.23 10.05
CA SER B 111 -9.14 8.25 10.06
C SER B 111 -8.07 7.49 10.85
N GLY B 112 -7.66 8.08 11.95
CA GLY B 112 -6.72 7.41 12.84
C GLY B 112 -5.35 7.33 12.21
N TYR B 113 -4.98 8.36 11.45
CA TYR B 113 -3.68 8.36 10.74
C TYR B 113 -3.53 7.13 9.85
N GLY B 114 -4.59 6.79 9.14
CA GLY B 114 -4.56 5.68 8.22
C GLY B 114 -4.67 4.28 8.87
N ASP B 115 -5.58 4.15 9.81
CA ASP B 115 -5.82 2.85 10.47
C ASP B 115 -6.21 1.84 9.41
N THR B 116 -5.55 0.69 9.40
CA THR B 116 -5.80 -0.34 8.43
C THR B 116 -7.03 -1.18 8.78
N THR B 117 -7.59 -0.96 9.95
CA THR B 117 -8.76 -1.77 10.40
C THR B 117 -9.89 -1.62 9.39
N PRO B 118 -10.43 -2.74 8.89
CA PRO B 118 -11.61 -2.64 8.00
C PRO B 118 -12.75 -1.89 8.68
N GLY B 119 -13.35 -0.94 7.96
CA GLY B 119 -14.40 -0.10 8.53
C GLY B 119 -13.98 1.26 9.07
N THR B 120 -12.68 1.54 9.02
CA THR B 120 -12.20 2.83 9.49
C THR B 120 -12.83 3.92 8.61
N PRO B 121 -13.42 4.95 9.23
CA PRO B 121 -14.11 5.97 8.42
C PRO B 121 -13.16 6.78 7.57
N VAL B 122 -13.65 7.15 6.40
CA VAL B 122 -13.00 8.16 5.57
C VAL B 122 -13.68 9.50 5.89
N GLN B 123 -12.86 10.50 6.18
CA GLN B 123 -13.33 11.79 6.68
C GLN B 123 -12.58 12.91 5.93
N LEU B 124 -13.00 14.15 6.22
CA LEU B 124 -12.23 15.32 5.80
C LEU B 124 -11.25 15.70 6.88
N TRP B 125 -10.14 16.29 6.44
CA TRP B 125 -9.21 16.90 7.40
C TRP B 125 -8.37 17.94 6.67
N TRP B 126 -7.98 18.95 7.45
CA TRP B 126 -7.00 19.97 7.05
C TRP B 126 -5.76 19.31 6.47
N THR B 127 -5.23 19.87 5.39
CA THR B 127 -4.05 19.26 4.75
C THR B 127 -2.81 19.35 5.62
N TRP B 128 -2.15 18.21 5.76
CA TRP B 128 -0.79 18.14 6.29
C TRP B 128 -0.08 16.93 5.67
N GLU B 129 1.13 16.67 6.10
CA GLU B 129 2.04 15.73 5.43
C GLU B 129 1.55 14.28 5.37
N GLY B 130 0.75 13.89 6.35
CA GLY B 130 0.47 12.46 6.54
C GLY B 130 0.03 11.69 5.30
N LEU B 131 0.65 10.54 5.10
CA LEU B 131 0.43 9.70 3.93
C LEU B 131 -1.03 9.20 3.82
N HIS B 132 -1.70 9.15 4.95
CA HIS B 132 -3.13 8.75 4.98
C HIS B 132 -4.09 9.77 4.39
N GLN B 133 -3.55 10.90 3.98
CA GLN B 133 -4.30 11.89 3.17
C GLN B 133 -4.03 11.79 1.69
N THR B 134 -3.28 10.77 1.27
CA THR B 134 -2.89 10.58 -0.13
C THR B 134 -3.35 9.22 -0.62
N TRP B 135 -3.69 9.15 -1.91
CA TRP B 135 -4.49 8.07 -2.47
C TRP B 135 -3.99 7.74 -3.86
N THR B 136 -3.90 6.46 -4.22
CA THR B 136 -3.69 6.12 -5.60
C THR B 136 -5.05 5.91 -6.28
N ILE B 137 -5.09 6.18 -7.58
CA ILE B 137 -6.27 5.99 -8.39
C ILE B 137 -5.87 5.06 -9.54
N ASP B 138 -6.44 3.85 -9.50
CA ASP B 138 -5.95 2.66 -10.24
C ASP B 138 -7.13 1.98 -10.94
N ARG B 139 -6.85 1.26 -12.02
CA ARG B 139 -7.83 0.34 -12.60
C ARG B 139 -8.33 -0.70 -11.62
N PRO B 140 -9.63 -1.00 -11.68
CA PRO B 140 -10.21 -1.93 -10.73
C PRO B 140 -9.70 -3.33 -10.96
C1 GAL C . -4.24 -7.65 -1.62
C2 GAL C . -3.44 -8.16 -0.44
C3 GAL C . -2.34 -7.17 -0.12
C4 GAL C . -1.53 -6.89 -1.37
C5 GAL C . -2.46 -6.40 -2.45
C6 GAL C . -1.72 -6.12 -3.75
O1 GAL C . -5.16 -8.69 -1.96
O2 GAL C . -4.27 -8.30 0.70
O3 GAL C . -1.61 -7.67 0.99
O4 GAL C . -0.82 -8.07 -1.79
O5 GAL C . -3.38 -7.44 -2.72
O6 GAL C . -2.57 -5.42 -4.64
C1 GOL D . 16.18 2.50 -7.27
O1 GOL D . 15.00 1.81 -7.69
C2 GOL D . 16.79 1.85 -6.03
O2 GOL D . 15.86 1.97 -4.93
C3 GOL D . 18.12 2.51 -5.73
O3 GOL D . 18.72 1.99 -4.52
C1 GOL E . 7.05 8.31 -1.61
O1 GOL E . 7.59 7.65 -0.46
C2 GOL E . 8.19 8.97 -2.38
O2 GOL E . 9.02 7.96 -2.99
C3 GOL E . 7.60 9.89 -3.43
O3 GOL E . 8.57 10.12 -4.45
C1 GOL F . -17.57 -3.44 2.96
O1 GOL F . -18.50 -2.46 2.47
C2 GOL F . -17.44 -4.57 1.95
O2 GOL F . -16.88 -4.15 0.69
C3 GOL F . -18.80 -5.19 1.76
O3 GOL F . -18.72 -6.27 0.83
C1 GOL G . -7.10 11.71 12.65
O1 GOL G . -8.29 10.91 12.60
C2 GOL G . -6.62 12.06 11.22
O2 GOL G . -6.31 10.86 10.51
C3 GOL G . -5.45 13.04 11.30
O3 GOL G . -4.98 13.41 10.00
#